data_6AVN
#
_entry.id   6AVN
#
_cell.length_a   69.783
_cell.length_b   69.783
_cell.length_c   193.280
_cell.angle_alpha   90.00
_cell.angle_beta   90.00
_cell.angle_gamma   90.00
#
_symmetry.space_group_name_H-M   'P 43 21 2'
#
loop_
_entity.id
_entity.type
_entity.pdbx_description
1 polymer 'PGV19 Fab heavy chain'
2 polymer 'PGV19 Fab light chain'
3 non-polymer GLYCEROL
4 non-polymer 'PENTAETHYLENE GLYCOL'
5 water water
#
loop_
_entity_poly.entity_id
_entity_poly.type
_entity_poly.pdbx_seq_one_letter_code
_entity_poly.pdbx_strand_id
1 'polypeptide(L)'
;EVRLVQSGAEVKKPGASVRVSCAASGYTFTDFDIHWLRQAPGRGLEWMGWVRPLGGGVSYARQFQGRVTMTRDFYIDTAF
MDFRNLKMDDTALYFCARMGAAREWDFQYWGQGTRVLVSSASTKGPSVFPLAPSSKSTSGGTAALGCLVKDYFPEPVTVS
WNSGALTSGVHTFPAVLQSSGLYSLSSVVTVPSSSLGTQTYICNVNHKPSNTKVDKKVEPKSC
;
H
2 'polypeptide(L)'
;QSALTQPASVSGSPGQSITISCTASSDFRGFSSVSWYQQVPGRAPKLLIFSVNRRPSGISHRFSGSKSGNTASLTISGLQ
IEDEADYHCNAYEFFGGGTKVFVLGQPKAAPSVTLFPPSSEELQANKATLVCLISDFYPGAVTVAWKADSSPVKAGVETT
TPSKQSNNKYAASSYLSLTPEQWKSHKSYSCQVTHEGSTVEKTVAPTEC
;
L
#
# COMPACT_ATOMS: atom_id res chain seq x y z
N GLU A 1 -26.23 -9.31 -1.33
CA GLU A 1 -26.79 -10.10 -2.42
C GLU A 1 -26.22 -9.65 -3.76
N VAL A 2 -26.00 -8.34 -3.90
CA VAL A 2 -25.37 -7.79 -5.10
C VAL A 2 -23.86 -7.97 -4.98
N ARG A 3 -23.25 -8.59 -5.99
CA ARG A 3 -21.83 -8.90 -5.97
C ARG A 3 -21.18 -8.53 -7.29
N LEU A 4 -20.00 -7.93 -7.21
CA LEU A 4 -19.14 -7.65 -8.37
C LEU A 4 -17.78 -8.28 -8.10
N VAL A 5 -17.44 -9.32 -8.87
CA VAL A 5 -16.21 -10.07 -8.68
C VAL A 5 -15.31 -9.84 -9.88
N GLN A 6 -14.10 -9.34 -9.63
CA GLN A 6 -13.13 -9.04 -10.69
C GLN A 6 -12.06 -10.12 -10.76
N SER A 7 -11.37 -10.16 -11.90
CA SER A 7 -10.32 -11.14 -12.12
C SER A 7 -9.04 -10.74 -11.36
N GLY A 8 -8.08 -11.67 -11.33
CA GLY A 8 -6.90 -11.52 -10.49
C GLY A 8 -5.89 -10.52 -11.01
N ALA A 9 -4.90 -10.25 -10.16
CA ALA A 9 -3.90 -9.22 -10.44
C ALA A 9 -3.10 -9.55 -11.70
N GLU A 10 -2.54 -8.50 -12.30
CA GLU A 10 -1.82 -8.61 -13.56
C GLU A 10 -0.51 -7.82 -13.48
N VAL A 11 0.51 -8.33 -14.18
CA VAL A 11 1.81 -7.68 -14.29
C VAL A 11 2.18 -7.66 -15.77
N LYS A 12 2.44 -6.47 -16.31
CA LYS A 12 2.67 -6.29 -17.73
C LYS A 12 3.87 -5.39 -17.96
N LYS A 13 4.42 -5.48 -19.19
CA LYS A 13 5.42 -4.63 -19.80
C LYS A 13 4.76 -3.52 -20.60
N PRO A 14 5.40 -2.34 -20.67
CA PRO A 14 4.84 -1.25 -21.47
C PRO A 14 4.60 -1.68 -22.92
N GLY A 15 3.38 -1.46 -23.39
CA GLY A 15 2.99 -1.85 -24.73
C GLY A 15 2.17 -3.12 -24.80
N ALA A 16 1.99 -3.81 -23.69
CA ALA A 16 1.18 -5.03 -23.67
C ALA A 16 -0.28 -4.69 -23.41
N SER A 17 -1.13 -5.72 -23.42
CA SER A 17 -2.55 -5.58 -23.21
C SER A 17 -2.97 -6.33 -21.95
N VAL A 18 -4.19 -6.05 -21.49
CA VAL A 18 -4.73 -6.69 -20.29
C VAL A 18 -6.25 -6.68 -20.39
N ARG A 19 -6.87 -7.78 -19.97
CA ARG A 19 -8.32 -7.90 -19.90
C ARG A 19 -8.73 -8.12 -18.45
N VAL A 20 -9.60 -7.25 -17.95
CA VAL A 20 -10.16 -7.37 -16.62
C VAL A 20 -11.65 -7.61 -16.75
N SER A 21 -12.15 -8.65 -16.08
CA SER A 21 -13.56 -9.00 -16.11
C SER A 21 -14.24 -8.56 -14.82
N CYS A 22 -15.56 -8.43 -14.89
CA CYS A 22 -16.39 -7.98 -13.77
C CYS A 22 -17.66 -8.81 -13.80
N ALA A 23 -17.73 -9.84 -12.96
CA ALA A 23 -18.87 -10.75 -12.93
C ALA A 23 -19.91 -10.22 -11.94
N ALA A 24 -21.06 -9.79 -12.46
CA ALA A 24 -22.11 -9.20 -11.66
C ALA A 24 -23.20 -10.24 -11.36
N SER A 25 -23.84 -10.07 -10.21
CA SER A 25 -24.91 -10.97 -9.78
C SER A 25 -25.68 -10.31 -8.65
N GLY A 26 -26.89 -10.83 -8.40
CA GLY A 26 -27.74 -10.32 -7.36
C GLY A 26 -28.74 -9.27 -7.81
N TYR A 27 -28.75 -8.92 -9.09
CA TYR A 27 -29.69 -7.93 -9.62
C TYR A 27 -29.84 -8.17 -11.12
N THR A 28 -30.78 -7.46 -11.72
CA THR A 28 -31.01 -7.58 -13.16
C THR A 28 -29.90 -6.84 -13.91
N PHE A 29 -29.10 -7.60 -14.65
CA PHE A 29 -27.87 -7.08 -15.26
C PHE A 29 -28.14 -5.89 -16.18
N THR A 30 -29.27 -5.91 -16.89
CA THR A 30 -29.54 -4.87 -17.89
C THR A 30 -30.10 -3.59 -17.30
N ASP A 31 -30.33 -3.52 -15.99
CA ASP A 31 -30.90 -2.33 -15.39
C ASP A 31 -29.87 -1.27 -15.03
N PHE A 32 -28.58 -1.62 -15.01
CA PHE A 32 -27.55 -0.67 -14.61
C PHE A 32 -26.34 -0.79 -15.53
N ASP A 33 -25.73 0.36 -15.83
CA ASP A 33 -24.45 0.36 -16.50
C ASP A 33 -23.36 -0.13 -15.53
N ILE A 34 -22.32 -0.73 -16.10
CA ILE A 34 -21.12 -1.07 -15.36
C ILE A 34 -20.08 -0.01 -15.66
N HIS A 35 -19.59 0.66 -14.62
CA HIS A 35 -18.55 1.68 -14.76
C HIS A 35 -17.19 1.09 -14.43
N TRP A 36 -16.14 1.73 -14.96
CA TRP A 36 -14.77 1.33 -14.71
C TRP A 36 -13.99 2.53 -14.20
N LEU A 37 -13.24 2.32 -13.12
CA LEU A 37 -12.41 3.36 -12.53
C LEU A 37 -11.07 2.76 -12.15
N ARG A 38 -10.08 3.63 -11.99
CA ARG A 38 -8.76 3.20 -11.58
C ARG A 38 -8.21 4.15 -10.53
N GLN A 39 -7.31 3.63 -9.70
CA GLN A 39 -6.67 4.40 -8.64
C GLN A 39 -5.17 4.19 -8.74
N ALA A 40 -4.45 5.21 -9.19
CA ALA A 40 -3.01 5.16 -9.24
C ALA A 40 -2.44 5.11 -7.83
N PRO A 41 -1.22 4.58 -7.66
CA PRO A 41 -0.64 4.49 -6.31
C PRO A 41 -0.48 5.86 -5.68
N GLY A 42 -0.98 5.98 -4.45
CA GLY A 42 -0.93 7.25 -3.73
C GLY A 42 -1.77 8.35 -4.33
N ARG A 43 -2.83 8.00 -5.06
CA ARG A 43 -3.68 8.98 -5.72
C ARG A 43 -5.14 8.67 -5.47
N GLY A 44 -6.01 9.56 -5.96
CA GLY A 44 -7.45 9.37 -5.85
C GLY A 44 -7.98 8.50 -6.97
N LEU A 45 -9.31 8.47 -7.05
CA LEU A 45 -10.00 7.67 -8.05
C LEU A 45 -10.14 8.45 -9.35
N GLU A 46 -10.18 7.71 -10.46
CA GLU A 46 -10.30 8.29 -11.78
C GLU A 46 -11.31 7.49 -12.59
N TRP A 47 -12.39 8.14 -13.00
CA TRP A 47 -13.41 7.50 -13.82
C TRP A 47 -12.88 7.28 -15.23
N MET A 48 -13.10 6.08 -15.77
CA MET A 48 -12.63 5.72 -17.11
C MET A 48 -13.76 5.66 -18.13
N GLY A 49 -14.89 5.06 -17.78
CA GLY A 49 -15.98 4.90 -18.72
C GLY A 49 -16.96 3.87 -18.22
N TRP A 50 -18.01 3.67 -19.01
CA TRP A 50 -19.02 2.66 -18.68
C TRP A 50 -19.43 1.90 -19.94
N VAL A 51 -20.08 0.76 -19.71
CA VAL A 51 -20.65 -0.07 -20.76
C VAL A 51 -22.08 -0.39 -20.37
N ARG A 52 -22.98 -0.33 -21.36
CA ARG A 52 -24.40 -0.54 -21.11
C ARG A 52 -24.78 -1.97 -21.48
N PRO A 53 -25.16 -2.82 -20.53
CA PRO A 53 -25.47 -4.21 -20.89
C PRO A 53 -26.57 -4.34 -21.92
N LEU A 54 -27.61 -3.50 -21.83
CA LEU A 54 -28.69 -3.51 -22.80
C LEU A 54 -28.27 -2.66 -23.99
N GLY A 55 -27.88 -3.32 -25.07
CA GLY A 55 -27.47 -2.66 -26.29
C GLY A 55 -25.97 -2.56 -26.49
N GLY A 56 -25.18 -2.68 -25.42
CA GLY A 56 -23.74 -2.65 -25.54
C GLY A 56 -23.13 -1.27 -25.75
N GLY A 57 -23.88 -0.21 -25.53
CA GLY A 57 -23.32 1.12 -25.67
C GLY A 57 -22.22 1.37 -24.66
N VAL A 58 -21.29 2.26 -25.03
CA VAL A 58 -20.13 2.57 -24.21
C VAL A 58 -19.95 4.08 -24.15
N SER A 59 -19.13 4.51 -23.19
CA SER A 59 -18.71 5.89 -23.04
C SER A 59 -17.35 5.89 -22.38
N TYR A 60 -16.47 6.80 -22.82
CA TYR A 60 -15.10 6.83 -22.36
C TYR A 60 -14.67 8.25 -22.04
N ALA A 61 -13.85 8.39 -20.99
CA ALA A 61 -13.05 9.59 -20.84
C ALA A 61 -12.04 9.66 -21.98
N ARG A 62 -11.64 10.89 -22.34
CA ARG A 62 -10.89 11.10 -23.58
C ARG A 62 -9.58 10.30 -23.60
N GLN A 63 -8.81 10.37 -22.51
CA GLN A 63 -7.47 9.79 -22.50
C GLN A 63 -7.48 8.26 -22.58
N PHE A 64 -8.64 7.62 -22.52
CA PHE A 64 -8.72 6.17 -22.67
C PHE A 64 -9.28 5.74 -24.02
N GLN A 65 -9.80 6.67 -24.80
CA GLN A 65 -10.33 6.33 -26.12
C GLN A 65 -9.18 5.95 -27.05
N GLY A 66 -9.38 4.88 -27.82
CA GLY A 66 -8.34 4.36 -28.67
C GLY A 66 -7.46 3.31 -28.03
N ARG A 67 -7.49 3.17 -26.71
CA ARG A 67 -6.74 2.13 -26.02
C ARG A 67 -7.60 1.23 -25.15
N VAL A 68 -8.77 1.69 -24.68
CA VAL A 68 -9.64 0.92 -23.81
C VAL A 68 -10.87 0.50 -24.60
N THR A 69 -11.25 -0.77 -24.47
CA THR A 69 -12.46 -1.30 -25.07
C THR A 69 -13.28 -1.96 -23.98
N MET A 70 -14.52 -1.53 -23.82
CA MET A 70 -15.44 -2.07 -22.83
C MET A 70 -16.55 -2.84 -23.53
N THR A 71 -16.75 -4.09 -23.11
CA THR A 71 -17.79 -4.94 -23.68
C THR A 71 -18.57 -5.61 -22.56
N ARG A 72 -19.47 -6.52 -22.92
CA ARG A 72 -20.17 -7.31 -21.93
C ARG A 72 -20.73 -8.57 -22.59
N ASP A 73 -20.88 -9.62 -21.77
CA ASP A 73 -21.57 -10.84 -22.15
C ASP A 73 -22.81 -10.91 -21.26
N PHE A 74 -23.97 -10.62 -21.85
CA PHE A 74 -25.19 -10.56 -21.04
C PHE A 74 -25.71 -11.94 -20.66
N TYR A 75 -25.21 -13.01 -21.28
CA TYR A 75 -25.64 -14.35 -20.87
C TYR A 75 -25.05 -14.74 -19.52
N ILE A 76 -23.87 -14.22 -19.18
CA ILE A 76 -23.21 -14.54 -17.93
C ILE A 76 -23.02 -13.30 -17.05
N ASP A 77 -23.65 -12.18 -17.40
CA ASP A 77 -23.67 -10.97 -16.58
C ASP A 77 -22.25 -10.52 -16.22
N THR A 78 -21.36 -10.54 -17.20
CA THR A 78 -19.96 -10.17 -17.01
C THR A 78 -19.61 -9.00 -17.92
N ALA A 79 -18.95 -8.00 -17.35
CA ALA A 79 -18.43 -6.87 -18.10
C ALA A 79 -16.92 -7.02 -18.24
N PHE A 80 -16.38 -6.49 -19.32
CA PHE A 80 -14.96 -6.61 -19.63
C PHE A 80 -14.37 -5.25 -19.92
N MET A 81 -13.11 -5.08 -19.52
CA MET A 81 -12.35 -3.88 -19.77
C MET A 81 -11.02 -4.30 -20.40
N ASP A 82 -10.84 -4.00 -21.69
CA ASP A 82 -9.64 -4.36 -22.43
C ASP A 82 -8.78 -3.12 -22.59
N PHE A 83 -7.57 -3.16 -22.02
CA PHE A 83 -6.65 -2.04 -22.04
C PHE A 83 -5.41 -2.46 -22.83
N ARG A 84 -5.23 -1.87 -24.01
CA ARG A 84 -4.14 -2.22 -24.89
C ARG A 84 -3.13 -1.08 -24.95
N ASN A 85 -1.88 -1.43 -25.25
CA ASN A 85 -0.77 -0.48 -25.35
C ASN A 85 -0.59 0.26 -24.02
N LEU A 86 -0.43 -0.53 -22.95
CA LEU A 86 -0.31 0.02 -21.61
C LEU A 86 0.97 0.83 -21.45
N LYS A 87 0.87 1.89 -20.65
CA LYS A 87 2.01 2.70 -20.26
C LYS A 87 2.33 2.47 -18.79
N MET A 88 3.52 2.91 -18.38
CA MET A 88 3.95 2.74 -17.00
C MET A 88 3.01 3.45 -16.03
N ASP A 89 2.48 4.61 -16.42
CA ASP A 89 1.57 5.36 -15.56
C ASP A 89 0.14 4.84 -15.61
N ASP A 90 -0.11 3.75 -16.34
CA ASP A 90 -1.37 3.04 -16.23
C ASP A 90 -1.39 2.07 -15.05
N THR A 91 -0.28 1.95 -14.33
CA THR A 91 -0.24 1.19 -13.09
C THR A 91 -1.25 1.76 -12.10
N ALA A 92 -2.20 0.92 -11.68
CA ALA A 92 -3.28 1.39 -10.82
C ALA A 92 -4.02 0.19 -10.25
N LEU A 93 -4.89 0.48 -9.29
CA LEU A 93 -5.87 -0.47 -8.79
C LEU A 93 -7.16 -0.22 -9.56
N TYR A 94 -7.58 -1.21 -10.36
CA TYR A 94 -8.73 -1.03 -11.23
C TYR A 94 -10.01 -1.54 -10.57
N PHE A 95 -11.09 -0.80 -10.75
CA PHE A 95 -12.38 -1.10 -10.15
C PHE A 95 -13.46 -1.12 -11.21
N CYS A 96 -14.37 -2.08 -11.12
CA CYS A 96 -15.69 -1.94 -11.74
C CYS A 96 -16.68 -1.56 -10.65
N ALA A 97 -17.65 -0.74 -11.01
CA ALA A 97 -18.60 -0.22 -10.04
C ALA A 97 -19.98 -0.10 -10.68
N ARG A 98 -21.00 -0.10 -9.82
CA ARG A 98 -22.38 0.05 -10.24
C ARG A 98 -23.01 1.17 -9.41
N MET A 99 -23.86 1.96 -10.05
CA MET A 99 -24.56 3.01 -9.32
C MET A 99 -25.65 2.41 -8.43
N GLY A 100 -26.00 3.15 -7.39
CA GLY A 100 -27.16 2.81 -6.59
C GLY A 100 -28.44 3.00 -7.39
N ALA A 101 -29.55 2.60 -6.77
CA ALA A 101 -30.84 2.71 -7.44
C ALA A 101 -31.22 4.16 -7.72
N ALA A 102 -30.62 5.12 -7.02
CA ALA A 102 -30.88 6.52 -7.31
C ALA A 102 -30.28 6.96 -8.64
N ARG A 103 -29.25 6.25 -9.11
CA ARG A 103 -28.60 6.54 -10.40
C ARG A 103 -28.14 7.99 -10.47
N GLU A 104 -27.56 8.48 -9.37
CA GLU A 104 -27.05 9.84 -9.27
C GLU A 104 -25.54 9.87 -9.15
N TRP A 105 -24.87 9.01 -9.93
CA TRP A 105 -23.41 8.85 -9.89
C TRP A 105 -22.93 8.58 -8.47
N ASP A 106 -23.72 7.81 -7.74
CA ASP A 106 -23.38 7.32 -6.41
C ASP A 106 -23.03 5.84 -6.55
N PHE A 107 -21.75 5.52 -6.46
CA PHE A 107 -21.30 4.15 -6.70
C PHE A 107 -21.45 3.37 -5.41
N GLN A 108 -22.60 2.69 -5.30
CA GLN A 108 -22.91 1.91 -4.11
C GLN A 108 -22.30 0.51 -4.15
N TYR A 109 -21.97 -0.01 -5.33
CA TYR A 109 -21.46 -1.37 -5.43
C TYR A 109 -20.15 -1.36 -6.21
N TRP A 110 -19.11 -1.89 -5.58
CA TRP A 110 -17.76 -1.89 -6.13
C TRP A 110 -17.25 -3.31 -6.24
N GLY A 111 -16.54 -3.59 -7.34
CA GLY A 111 -15.73 -4.79 -7.38
C GLY A 111 -14.60 -4.73 -6.36
N GLN A 112 -14.02 -5.89 -6.08
CA GLN A 112 -13.00 -5.94 -5.04
C GLN A 112 -11.66 -5.34 -5.49
N GLY A 113 -11.52 -4.98 -6.76
CA GLY A 113 -10.31 -4.37 -7.25
C GLY A 113 -9.40 -5.34 -7.95
N THR A 114 -8.71 -4.86 -8.98
CA THR A 114 -7.75 -5.65 -9.74
C THR A 114 -6.46 -4.85 -9.85
N ARG A 115 -5.37 -5.41 -9.32
CA ARG A 115 -4.07 -4.76 -9.40
C ARG A 115 -3.46 -4.98 -10.77
N VAL A 116 -3.07 -3.90 -11.43
CA VAL A 116 -2.41 -3.94 -12.73
C VAL A 116 -1.11 -3.18 -12.60
N LEU A 117 0.02 -3.89 -12.65
CA LEU A 117 1.33 -3.29 -12.59
C LEU A 117 1.95 -3.30 -13.98
N VAL A 118 2.26 -2.11 -14.50
CA VAL A 118 2.94 -1.96 -15.78
C VAL A 118 4.36 -1.48 -15.50
N SER A 119 5.34 -2.35 -15.69
CA SER A 119 6.72 -2.03 -15.41
C SER A 119 7.62 -2.59 -16.50
N SER A 120 8.71 -1.89 -16.77
CA SER A 120 9.72 -2.37 -17.71
C SER A 120 10.61 -3.45 -17.09
N ALA A 121 10.43 -3.77 -15.82
CA ALA A 121 11.19 -4.83 -15.19
C ALA A 121 10.65 -6.20 -15.62
N SER A 122 11.49 -7.22 -15.45
CA SER A 122 11.14 -8.59 -15.78
C SER A 122 11.22 -9.46 -14.53
N THR A 123 10.60 -10.63 -14.62
CA THR A 123 10.59 -11.56 -13.50
C THR A 123 12.02 -11.88 -13.05
N LYS A 124 12.24 -11.80 -11.74
CA LYS A 124 13.56 -12.08 -11.18
C LYS A 124 13.41 -12.71 -9.81
N GLY A 125 14.01 -13.88 -9.62
CA GLY A 125 14.07 -14.51 -8.32
C GLY A 125 14.92 -13.70 -7.37
N PRO A 126 14.67 -13.83 -6.08
CA PRO A 126 15.37 -13.02 -5.09
C PRO A 126 16.73 -13.60 -4.73
N SER A 127 17.60 -12.71 -4.25
CA SER A 127 18.85 -13.09 -3.62
C SER A 127 18.68 -13.00 -2.11
N VAL A 128 18.88 -14.11 -1.41
CA VAL A 128 18.62 -14.21 0.02
C VAL A 128 19.94 -14.11 0.77
N PHE A 129 20.08 -13.05 1.57
CA PHE A 129 21.28 -12.88 2.36
C PHE A 129 20.95 -12.96 3.85
N PRO A 130 21.79 -13.61 4.65
CA PRO A 130 21.50 -13.76 6.07
C PRO A 130 21.79 -12.48 6.85
N LEU A 131 20.86 -12.12 7.73
CA LEU A 131 21.05 -11.02 8.68
C LEU A 131 21.51 -11.67 9.99
N ALA A 132 22.81 -11.79 10.14
CA ALA A 132 23.36 -12.59 11.23
C ALA A 132 23.22 -11.85 12.55
N PRO A 133 22.98 -12.57 13.66
CA PRO A 133 22.91 -11.90 14.96
C PRO A 133 24.31 -11.63 15.51
N SER A 134 24.44 -10.50 16.18
CA SER A 134 25.71 -10.13 16.80
C SER A 134 25.41 -9.32 18.05
N SER A 135 26.47 -8.90 18.75
CA SER A 135 26.30 -8.12 19.96
C SER A 135 25.57 -6.81 19.71
N LYS A 136 25.55 -6.33 18.47
CA LYS A 136 24.85 -5.11 18.12
C LYS A 136 23.41 -5.37 17.67
N SER A 137 22.95 -6.62 17.78
CA SER A 137 21.57 -6.96 17.48
C SER A 137 20.90 -7.75 18.60
N THR A 138 21.55 -7.87 19.76
CA THR A 138 20.95 -8.54 20.90
C THR A 138 20.32 -7.50 21.83
N SER A 139 19.26 -7.93 22.52
CA SER A 139 18.59 -7.11 23.53
C SER A 139 18.49 -7.94 24.81
N GLY A 140 19.63 -8.11 25.48
CA GLY A 140 19.67 -8.86 26.71
C GLY A 140 19.34 -10.32 26.53
N GLY A 141 18.13 -10.73 26.92
CA GLY A 141 17.73 -12.12 26.80
C GLY A 141 17.32 -12.57 25.42
N THR A 142 17.15 -11.64 24.47
CA THR A 142 16.75 -11.97 23.12
C THR A 142 17.77 -11.43 22.12
N ALA A 143 17.77 -12.01 20.92
CA ALA A 143 18.62 -11.58 19.83
C ALA A 143 17.82 -11.55 18.54
N ALA A 144 18.16 -10.60 17.67
CA ALA A 144 17.47 -10.42 16.40
C ALA A 144 18.35 -10.97 15.28
N LEU A 145 17.81 -11.92 14.52
CA LEU A 145 18.43 -12.41 13.30
C LEU A 145 17.37 -12.45 12.21
N GLY A 146 17.82 -12.47 10.96
CA GLY A 146 16.85 -12.43 9.89
C GLY A 146 17.44 -12.78 8.54
N CYS A 147 16.65 -12.49 7.50
CA CYS A 147 17.02 -12.75 6.12
C CYS A 147 16.67 -11.55 5.27
N LEU A 148 17.61 -11.14 4.41
CA LEU A 148 17.40 -10.07 3.45
C LEU A 148 16.98 -10.70 2.12
N VAL A 149 15.75 -10.45 1.71
CA VAL A 149 15.20 -10.96 0.46
C VAL A 149 15.30 -9.84 -0.56
N LYS A 150 16.37 -9.86 -1.37
CA LYS A 150 16.78 -8.71 -2.15
C LYS A 150 16.54 -8.91 -3.64
N ASP A 151 16.03 -7.86 -4.29
CA ASP A 151 15.98 -7.75 -5.75
C ASP A 151 15.17 -8.89 -6.39
N TYR A 152 13.87 -8.86 -6.16
CA TYR A 152 12.95 -9.78 -6.81
C TYR A 152 11.84 -8.98 -7.50
N PHE A 153 11.17 -9.65 -8.43
CA PHE A 153 10.08 -9.04 -9.17
C PHE A 153 9.21 -10.11 -9.82
N PRO A 154 7.89 -10.00 -9.73
CA PRO A 154 7.22 -8.95 -8.95
C PRO A 154 6.86 -9.44 -7.56
N GLU A 155 6.02 -8.69 -6.85
CA GLU A 155 5.46 -9.20 -5.60
C GLU A 155 4.62 -10.43 -5.89
N PRO A 156 4.43 -11.32 -4.90
CA PRO A 156 5.02 -11.26 -3.56
C PRO A 156 6.02 -12.37 -3.28
N VAL A 157 6.68 -12.30 -2.12
CA VAL A 157 7.40 -13.43 -1.57
C VAL A 157 6.81 -13.72 -0.20
N THR A 158 6.83 -14.99 0.17
CA THR A 158 6.45 -15.42 1.51
C THR A 158 7.68 -15.99 2.20
N VAL A 159 7.80 -15.70 3.50
CA VAL A 159 8.95 -16.12 4.29
C VAL A 159 8.45 -16.87 5.52
N SER A 160 8.99 -18.05 5.75
CA SER A 160 8.77 -18.79 6.99
C SER A 160 10.13 -19.17 7.55
N TRP A 161 10.12 -19.78 8.74
CA TRP A 161 11.35 -20.11 9.45
C TRP A 161 11.28 -21.54 9.94
N ASN A 162 12.36 -22.29 9.68
CA ASN A 162 12.47 -23.70 10.06
C ASN A 162 11.27 -24.50 9.58
N SER A 163 10.90 -24.28 8.32
CA SER A 163 9.81 -25.00 7.66
C SER A 163 8.48 -24.80 8.38
N GLY A 164 8.30 -23.60 8.94
CA GLY A 164 7.08 -23.26 9.66
C GLY A 164 7.07 -23.65 11.11
N ALA A 165 8.12 -24.32 11.61
CA ALA A 165 8.19 -24.71 13.00
C ALA A 165 8.50 -23.55 13.93
N LEU A 166 8.90 -22.40 13.40
CA LEU A 166 9.23 -21.22 14.20
C LEU A 166 8.24 -20.13 13.85
N THR A 167 7.33 -19.83 14.77
CA THR A 167 6.25 -18.87 14.54
C THR A 167 6.39 -17.60 15.38
N SER A 168 6.60 -17.73 16.68
CA SER A 168 6.65 -16.57 17.54
C SER A 168 7.92 -15.76 17.28
N GLY A 169 7.79 -14.44 17.36
CA GLY A 169 8.90 -13.55 17.14
C GLY A 169 9.19 -13.22 15.69
N VAL A 170 8.50 -13.86 14.75
CA VAL A 170 8.72 -13.61 13.33
C VAL A 170 8.04 -12.32 12.94
N HIS A 171 8.79 -11.43 12.27
CA HIS A 171 8.23 -10.16 11.77
C HIS A 171 8.77 -9.95 10.37
N THR A 172 7.93 -10.18 9.37
CA THR A 172 8.28 -9.92 7.98
C THR A 172 7.80 -8.52 7.61
N PHE A 173 8.74 -7.65 7.26
CA PHE A 173 8.40 -6.26 6.97
C PHE A 173 7.91 -6.11 5.53
N PRO A 174 7.02 -5.16 5.29
CA PRO A 174 6.59 -4.89 3.90
C PRO A 174 7.77 -4.54 3.00
N ALA A 175 7.63 -4.91 1.73
CA ALA A 175 8.72 -4.72 0.79
C ALA A 175 8.90 -3.25 0.44
N VAL A 176 10.13 -2.90 0.06
CA VAL A 176 10.46 -1.59 -0.47
C VAL A 176 10.66 -1.74 -1.97
N LEU A 177 10.34 -0.68 -2.71
CA LEU A 177 10.46 -0.67 -4.16
C LEU A 177 11.69 0.14 -4.55
N GLN A 178 12.75 -0.55 -4.96
CA GLN A 178 13.96 0.13 -5.40
C GLN A 178 13.69 0.88 -6.71
N SER A 179 14.53 1.89 -6.97
CA SER A 179 14.41 2.64 -8.21
C SER A 179 14.74 1.81 -9.44
N SER A 180 15.32 0.62 -9.26
CA SER A 180 15.57 -0.30 -10.36
C SER A 180 14.32 -1.07 -10.78
N GLY A 181 13.18 -0.82 -10.14
CA GLY A 181 11.98 -1.59 -10.39
C GLY A 181 11.88 -2.88 -9.62
N LEU A 182 12.92 -3.28 -8.90
CA LEU A 182 12.93 -4.53 -8.15
C LEU A 182 12.49 -4.29 -6.71
N TYR A 183 11.97 -5.35 -6.09
CA TYR A 183 11.49 -5.29 -4.72
C TYR A 183 12.49 -5.95 -3.78
N SER A 184 12.44 -5.54 -2.51
CA SER A 184 13.25 -6.13 -1.46
C SER A 184 12.51 -6.00 -0.14
N LEU A 185 12.56 -7.05 0.67
CA LEU A 185 12.03 -6.98 2.03
C LEU A 185 12.98 -7.68 2.98
N SER A 186 12.68 -7.57 4.27
CA SER A 186 13.43 -8.25 5.30
C SER A 186 12.47 -9.01 6.21
N SER A 187 12.95 -10.13 6.74
CA SER A 187 12.19 -10.94 7.69
C SER A 187 13.10 -11.26 8.86
N VAL A 188 12.77 -10.74 10.03
CA VAL A 188 13.56 -10.96 11.23
C VAL A 188 12.74 -11.71 12.26
N VAL A 189 13.42 -12.53 13.05
CA VAL A 189 12.80 -13.29 14.12
C VAL A 189 13.55 -13.00 15.41
N THR A 190 12.80 -12.72 16.48
CA THR A 190 13.37 -12.51 17.81
C THR A 190 13.50 -13.86 18.48
N VAL A 191 14.73 -14.23 18.85
CA VAL A 191 15.00 -15.54 19.43
C VAL A 191 15.74 -15.35 20.76
N PRO A 192 15.68 -16.33 21.65
CA PRO A 192 16.48 -16.25 22.88
C PRO A 192 17.96 -16.26 22.55
N SER A 193 18.70 -15.36 23.17
CA SER A 193 20.12 -15.20 22.85
C SER A 193 20.94 -16.41 23.28
N SER A 194 20.48 -17.19 24.24
CA SER A 194 21.24 -18.35 24.69
C SER A 194 21.21 -19.49 23.68
N SER A 195 20.24 -19.49 22.76
CA SER A 195 20.07 -20.57 21.79
C SER A 195 20.88 -20.37 20.52
N LEU A 196 21.72 -19.33 20.46
CA LEU A 196 22.41 -19.01 19.21
C LEU A 196 23.43 -20.07 18.82
N GLY A 197 24.02 -20.75 19.81
CA GLY A 197 25.01 -21.76 19.50
C GLY A 197 24.49 -23.17 19.34
N THR A 198 23.20 -23.39 19.59
CA THR A 198 22.62 -24.72 19.54
C THR A 198 21.49 -24.86 18.54
N GLN A 199 20.61 -23.87 18.43
CA GLN A 199 19.45 -23.96 17.55
C GLN A 199 19.81 -23.50 16.15
N THR A 200 19.41 -24.28 15.16
CA THR A 200 19.56 -23.93 13.75
C THR A 200 18.39 -23.05 13.33
N TYR A 201 18.68 -21.97 12.61
CA TYR A 201 17.65 -21.08 12.08
C TYR A 201 17.80 -20.99 10.57
N ILE A 202 16.72 -21.31 9.86
CA ILE A 202 16.71 -21.32 8.40
C ILE A 202 15.45 -20.60 7.95
N CYS A 203 15.61 -19.55 7.14
CA CYS A 203 14.46 -18.88 6.54
C CYS A 203 14.15 -19.55 5.20
N ASN A 204 12.86 -19.74 4.95
CA ASN A 204 12.37 -20.40 3.74
C ASN A 204 11.66 -19.35 2.91
N VAL A 205 12.32 -18.89 1.84
CA VAL A 205 11.80 -17.85 0.98
C VAL A 205 11.15 -18.50 -0.24
N ASN A 206 9.90 -18.12 -0.51
CA ASN A 206 9.16 -18.62 -1.65
C ASN A 206 8.75 -17.45 -2.53
N HIS A 207 9.09 -17.53 -3.82
CA HIS A 207 8.75 -16.51 -4.82
C HIS A 207 8.08 -17.22 -6.00
N LYS A 208 6.78 -17.46 -5.85
CA LYS A 208 6.03 -18.16 -6.90
C LYS A 208 6.15 -17.55 -8.29
N PRO A 209 6.11 -16.23 -8.48
CA PRO A 209 6.23 -15.68 -9.85
C PRO A 209 7.45 -16.16 -10.61
N SER A 210 8.58 -16.38 -9.95
CA SER A 210 9.77 -16.90 -10.62
C SER A 210 9.97 -18.39 -10.39
N ASN A 211 9.04 -19.04 -9.67
CA ASN A 211 9.16 -20.47 -9.33
C ASN A 211 10.45 -20.75 -8.57
N THR A 212 10.79 -19.89 -7.63
CA THR A 212 12.04 -19.99 -6.88
C THR A 212 11.73 -20.17 -5.40
N LYS A 213 12.38 -21.16 -4.78
CA LYS A 213 12.36 -21.36 -3.34
C LYS A 213 13.78 -21.41 -2.85
N VAL A 214 14.09 -20.64 -1.81
CA VAL A 214 15.42 -20.56 -1.23
C VAL A 214 15.32 -20.88 0.25
N ASP A 215 16.22 -21.76 0.72
CA ASP A 215 16.35 -22.08 2.14
C ASP A 215 17.74 -21.63 2.58
N LYS A 216 17.80 -20.59 3.39
CA LYS A 216 19.06 -19.95 3.77
C LYS A 216 19.30 -20.14 5.26
N LYS A 217 20.36 -20.87 5.59
CA LYS A 217 20.76 -21.05 6.98
C LYS A 217 21.39 -19.76 7.50
N VAL A 218 20.98 -19.35 8.70
CA VAL A 218 21.46 -18.12 9.32
C VAL A 218 22.14 -18.48 10.63
N GLU A 219 23.42 -18.18 10.73
CA GLU A 219 24.22 -18.48 11.93
C GLU A 219 25.02 -17.26 12.33
N PRO A 220 25.41 -17.17 13.60
CA PRO A 220 26.13 -15.97 14.07
C PRO A 220 27.47 -15.79 13.37
N LYS A 221 27.73 -14.57 12.93
CA LYS A 221 28.98 -14.22 12.28
C LYS A 221 29.28 -12.73 12.46
N ALA B 3 -11.33 17.91 -10.95
CA ALA B 3 -11.60 19.32 -10.68
C ALA B 3 -12.21 19.50 -9.30
N LEU B 4 -12.07 18.47 -8.46
CA LEU B 4 -12.53 18.50 -7.08
C LEU B 4 -11.33 18.47 -6.16
N THR B 5 -11.26 19.40 -5.21
CA THR B 5 -10.11 19.55 -4.34
C THR B 5 -10.49 19.20 -2.90
N GLN B 6 -9.75 18.27 -2.31
CA GLN B 6 -9.86 17.86 -0.93
C GLN B 6 -8.56 18.14 -0.18
N PRO B 7 -8.62 18.33 1.13
CA PRO B 7 -7.37 18.44 1.90
C PRO B 7 -6.61 17.13 1.89
N ALA B 8 -5.28 17.22 1.98
CA ALA B 8 -4.45 16.03 1.91
C ALA B 8 -4.73 15.10 3.09
N SER B 9 -4.82 15.66 4.30
CA SER B 9 -5.06 14.85 5.48
C SER B 9 -5.80 15.66 6.53
N VAL B 10 -6.45 14.94 7.45
CA VAL B 10 -7.13 15.52 8.60
C VAL B 10 -6.91 14.58 9.77
N SER B 11 -6.47 15.11 10.91
CA SER B 11 -6.25 14.32 12.11
C SER B 11 -7.22 14.72 13.20
N GLY B 12 -7.56 13.75 14.05
CA GLY B 12 -8.45 14.00 15.16
C GLY B 12 -8.28 12.94 16.22
N SER B 13 -8.84 13.22 17.39
CA SER B 13 -8.81 12.27 18.49
C SER B 13 -10.21 11.72 18.75
N PRO B 14 -10.33 10.51 19.30
CA PRO B 14 -11.65 9.89 19.46
C PRO B 14 -12.59 10.75 20.29
N GLY B 15 -13.84 10.83 19.84
CA GLY B 15 -14.86 11.65 20.47
C GLY B 15 -15.08 12.98 19.78
N GLN B 16 -14.08 13.50 19.08
CA GLN B 16 -14.18 14.79 18.42
C GLN B 16 -15.02 14.68 17.14
N SER B 17 -15.35 15.83 16.59
CA SER B 17 -15.98 15.93 15.28
C SER B 17 -15.00 16.56 14.31
N ILE B 18 -14.81 15.94 13.15
CA ILE B 18 -13.95 16.45 12.10
C ILE B 18 -14.79 16.65 10.85
N THR B 19 -14.27 17.50 9.95
CA THR B 19 -14.98 17.84 8.72
C THR B 19 -14.00 17.82 7.56
N ILE B 20 -14.36 17.09 6.51
CA ILE B 20 -13.58 17.01 5.28
C ILE B 20 -14.30 17.81 4.21
N SER B 21 -13.58 18.70 3.55
CA SER B 21 -14.17 19.57 2.54
C SER B 21 -13.93 19.02 1.15
N CYS B 22 -14.82 19.37 0.23
CA CYS B 22 -14.75 18.97 -1.17
C CYS B 22 -15.23 20.15 -1.99
N THR B 23 -14.31 20.86 -2.64
CA THR B 23 -14.62 22.11 -3.32
C THR B 23 -14.56 21.90 -4.83
N ALA B 24 -15.61 22.31 -5.52
CA ALA B 24 -15.63 22.27 -6.98
C ALA B 24 -15.18 23.61 -7.55
N SER B 25 -14.88 23.60 -8.85
CA SER B 25 -14.58 24.84 -9.54
C SER B 25 -15.78 25.77 -9.51
N SER B 26 -15.53 27.07 -9.73
CA SER B 26 -16.60 28.04 -9.73
C SER B 26 -17.64 27.72 -10.79
N ASP B 27 -17.21 27.18 -11.94
CA ASP B 27 -18.11 26.77 -13.01
C ASP B 27 -18.32 25.26 -12.88
N PHE B 28 -19.39 24.88 -12.17
CA PHE B 28 -19.70 23.48 -11.94
C PHE B 28 -21.20 23.41 -11.63
N ARG B 29 -22.00 22.97 -12.60
CA ARG B 29 -23.45 23.05 -12.49
C ARG B 29 -24.08 21.81 -11.86
N GLY B 30 -23.35 20.72 -11.72
CA GLY B 30 -23.96 19.53 -11.16
C GLY B 30 -23.55 19.20 -9.74
N PHE B 31 -23.01 20.17 -9.02
CA PHE B 31 -22.40 19.89 -7.73
C PHE B 31 -23.41 19.58 -6.63
N SER B 32 -24.69 19.47 -6.94
CA SER B 32 -25.67 19.14 -5.90
C SER B 32 -25.74 17.64 -5.64
N SER B 33 -25.21 16.82 -6.54
CA SER B 33 -25.23 15.37 -6.34
C SER B 33 -23.81 14.89 -5.98
N VAL B 34 -23.34 15.34 -4.83
CA VAL B 34 -22.04 14.92 -4.32
C VAL B 34 -22.20 13.61 -3.56
N SER B 35 -21.23 12.72 -3.73
CA SER B 35 -21.18 11.47 -2.99
C SER B 35 -19.88 11.40 -2.21
N TRP B 36 -19.91 10.66 -1.09
CA TRP B 36 -18.75 10.48 -0.23
C TRP B 36 -18.49 9.00 -0.06
N TYR B 37 -17.20 8.63 0.02
CA TYR B 37 -16.81 7.24 0.11
C TYR B 37 -15.75 7.06 1.19
N GLN B 38 -15.81 5.92 1.87
CA GLN B 38 -14.77 5.48 2.78
C GLN B 38 -13.99 4.35 2.12
N GLN B 39 -12.67 4.39 2.26
CA GLN B 39 -11.84 3.36 1.64
C GLN B 39 -10.64 3.06 2.50
N VAL B 40 -10.54 1.82 2.96
CA VAL B 40 -9.25 1.33 3.44
C VAL B 40 -8.32 1.15 2.24
N PRO B 41 -7.12 1.71 2.26
CA PRO B 41 -6.24 1.64 1.07
C PRO B 41 -6.06 0.22 0.57
N GLY B 42 -6.17 0.06 -0.74
CA GLY B 42 -6.11 -1.25 -1.36
C GLY B 42 -7.41 -2.01 -1.38
N ARG B 43 -8.47 -1.50 -0.76
CA ARG B 43 -9.75 -2.17 -0.70
C ARG B 43 -10.81 -1.35 -1.43
N ALA B 44 -11.97 -1.96 -1.63
CA ALA B 44 -13.04 -1.30 -2.37
C ALA B 44 -13.61 -0.15 -1.55
N PRO B 45 -13.89 0.99 -2.17
CA PRO B 45 -14.56 2.09 -1.47
C PRO B 45 -15.93 1.67 -0.96
N LYS B 46 -16.43 2.42 0.01
CA LYS B 46 -17.77 2.22 0.55
C LYS B 46 -18.51 3.55 0.53
N LEU B 47 -19.65 3.58 -0.15
CA LEU B 47 -20.47 4.79 -0.21
C LEU B 47 -21.03 5.12 1.17
N LEU B 48 -20.82 6.37 1.60
CA LEU B 48 -21.31 6.87 2.87
C LEU B 48 -22.48 7.83 2.73
N ILE B 49 -22.36 8.80 1.83
CA ILE B 49 -23.38 9.81 1.57
C ILE B 49 -23.43 10.03 0.06
N PHE B 50 -24.64 10.15 -0.50
CA PHE B 50 -24.73 10.10 -1.96
C PHE B 50 -25.48 11.25 -2.62
N SER B 51 -26.10 12.19 -1.87
CA SER B 51 -26.70 13.37 -2.51
C SER B 51 -26.66 14.51 -1.49
N VAL B 52 -25.46 15.07 -1.33
CA VAL B 52 -25.13 16.04 -0.29
C VAL B 52 -25.24 15.40 1.09
N ASN B 53 -26.41 14.83 1.42
CA ASN B 53 -26.67 14.39 2.78
C ASN B 53 -27.42 13.07 2.93
N ARG B 54 -27.84 12.42 1.84
CA ARG B 54 -28.50 11.13 1.96
C ARG B 54 -27.50 10.05 2.34
N ARG B 55 -27.89 9.17 3.26
CA ARG B 55 -27.00 8.05 3.54
C ARG B 55 -27.69 6.72 3.27
N PRO B 56 -26.98 5.77 2.68
CA PRO B 56 -27.57 4.44 2.42
C PRO B 56 -27.90 3.72 3.72
N SER B 57 -28.67 2.64 3.57
CA SER B 57 -28.96 1.77 4.70
C SER B 57 -27.69 1.10 5.20
N GLY B 58 -27.53 1.05 6.52
CA GLY B 58 -26.37 0.43 7.12
C GLY B 58 -25.19 1.36 7.36
N ILE B 59 -25.34 2.66 7.13
CA ILE B 59 -24.28 3.62 7.38
C ILE B 59 -24.56 4.35 8.68
N SER B 60 -23.52 4.51 9.51
CA SER B 60 -23.68 5.12 10.81
C SER B 60 -24.16 6.56 10.69
N HIS B 61 -25.06 6.95 11.60
CA HIS B 61 -25.53 8.32 11.66
C HIS B 61 -24.45 9.30 12.12
N ARG B 62 -23.28 8.82 12.51
CA ARG B 62 -22.14 9.70 12.79
C ARG B 62 -21.57 10.34 11.54
N PHE B 63 -21.93 9.85 10.35
CA PHE B 63 -21.54 10.45 9.09
C PHE B 63 -22.69 11.28 8.55
N SER B 64 -22.44 12.55 8.27
CA SER B 64 -23.45 13.43 7.71
C SER B 64 -22.79 14.34 6.68
N GLY B 65 -23.56 14.67 5.64
CA GLY B 65 -23.03 15.54 4.61
C GLY B 65 -23.77 16.86 4.51
N SER B 66 -23.10 17.88 3.97
CA SER B 66 -23.71 19.19 3.79
C SER B 66 -23.02 19.88 2.62
N LYS B 67 -23.62 20.98 2.19
CA LYS B 67 -23.08 21.74 1.06
C LYS B 67 -23.43 23.20 1.24
N SER B 68 -22.47 24.07 0.90
CA SER B 68 -22.65 25.52 0.96
C SER B 68 -22.01 26.09 -0.30
N GLY B 69 -22.81 26.24 -1.34
CA GLY B 69 -22.30 26.72 -2.62
C GLY B 69 -21.39 25.72 -3.30
N ASN B 70 -20.15 26.13 -3.57
CA ASN B 70 -19.21 25.28 -4.29
C ASN B 70 -18.46 24.30 -3.39
N THR B 71 -18.75 24.30 -2.08
CA THR B 71 -18.01 23.49 -1.13
C THR B 71 -18.95 22.51 -0.43
N ALA B 72 -18.68 21.22 -0.59
CA ALA B 72 -19.36 20.18 0.15
C ALA B 72 -18.49 19.74 1.33
N SER B 73 -19.15 19.21 2.36
CA SER B 73 -18.45 18.81 3.57
C SER B 73 -19.00 17.51 4.11
N LEU B 74 -18.09 16.62 4.51
CA LEU B 74 -18.44 15.40 5.23
C LEU B 74 -17.99 15.56 6.68
N THR B 75 -18.94 15.44 7.60
CA THR B 75 -18.67 15.58 9.02
C THR B 75 -18.77 14.21 9.69
N ILE B 76 -17.76 13.86 10.47
CA ILE B 76 -17.73 12.62 11.22
C ILE B 76 -17.88 12.98 12.70
N SER B 77 -19.05 12.71 13.25
CA SER B 77 -19.29 12.93 14.67
C SER B 77 -18.77 11.76 15.49
N GLY B 78 -18.31 12.06 16.70
CA GLY B 78 -17.81 11.03 17.61
C GLY B 78 -16.76 10.15 16.97
N LEU B 79 -15.62 10.75 16.59
CA LEU B 79 -14.55 10.03 15.93
C LEU B 79 -14.23 8.73 16.64
N GLN B 80 -14.13 7.65 15.87
CA GLN B 80 -13.72 6.36 16.39
C GLN B 80 -12.50 5.87 15.62
N ILE B 81 -11.79 4.91 16.23
CA ILE B 81 -10.58 4.37 15.61
C ILE B 81 -10.90 3.72 14.27
N GLU B 82 -12.09 3.13 14.14
CA GLU B 82 -12.50 2.52 12.87
C GLU B 82 -12.69 3.54 11.76
N ASP B 83 -12.78 4.83 12.10
CA ASP B 83 -12.92 5.86 11.06
C ASP B 83 -11.61 6.20 10.38
N GLU B 84 -10.50 5.60 10.80
CA GLU B 84 -9.20 5.88 10.19
C GLU B 84 -9.15 5.21 8.82
N ALA B 85 -9.25 5.99 7.76
CA ALA B 85 -9.28 5.49 6.39
C ALA B 85 -9.16 6.68 5.45
N ASP B 86 -9.20 6.39 4.15
CA ASP B 86 -9.25 7.42 3.12
C ASP B 86 -10.69 7.74 2.78
N TYR B 87 -10.93 9.01 2.42
CA TYR B 87 -12.27 9.46 2.10
C TYR B 87 -12.24 10.21 0.77
N HIS B 88 -13.19 9.89 -0.10
CA HIS B 88 -13.26 10.45 -1.44
C HIS B 88 -14.64 11.06 -1.66
N CYS B 89 -14.66 12.14 -2.44
CA CYS B 89 -15.90 12.74 -2.89
C CYS B 89 -15.95 12.67 -4.42
N ASN B 90 -17.17 12.63 -4.95
CA ASN B 90 -17.32 12.67 -6.40
C ASN B 90 -18.62 13.35 -6.76
N ALA B 91 -18.61 14.02 -7.90
CA ALA B 91 -19.80 14.58 -8.53
C ALA B 91 -19.71 14.23 -10.01
N TYR B 92 -20.59 13.35 -10.45
CA TYR B 92 -20.56 12.79 -11.82
C TYR B 92 -19.22 12.05 -11.97
N GLU B 93 -18.53 12.19 -13.08
CA GLU B 93 -17.29 11.46 -13.30
C GLU B 93 -16.09 12.11 -12.61
N PHE B 94 -16.29 13.23 -11.92
CA PHE B 94 -15.20 13.98 -11.32
C PHE B 94 -15.00 13.56 -9.87
N PHE B 95 -13.78 13.16 -9.53
CA PHE B 95 -13.43 12.75 -8.17
C PHE B 95 -12.41 13.70 -7.56
N GLY B 96 -12.49 13.86 -6.25
CA GLY B 96 -11.49 14.60 -5.53
C GLY B 96 -10.21 13.79 -5.37
N GLY B 97 -9.19 14.46 -4.83
CA GLY B 97 -7.90 13.82 -4.67
C GLY B 97 -7.85 12.79 -3.55
N GLY B 98 -8.83 12.81 -2.66
CA GLY B 98 -8.83 11.93 -1.51
C GLY B 98 -8.24 12.60 -0.29
N THR B 99 -8.72 12.18 0.89
CA THR B 99 -8.28 12.74 2.16
C THR B 99 -7.98 11.60 3.12
N LYS B 100 -6.76 11.58 3.65
CA LYS B 100 -6.41 10.62 4.69
C LYS B 100 -6.87 11.15 6.04
N VAL B 101 -7.62 10.32 6.77
CA VAL B 101 -8.07 10.66 8.11
C VAL B 101 -7.27 9.83 9.11
N PHE B 102 -6.70 10.51 10.10
CA PHE B 102 -5.94 9.88 11.16
C PHE B 102 -6.69 10.04 12.48
N VAL B 103 -6.78 8.95 13.24
CA VAL B 103 -7.42 8.95 14.54
C VAL B 103 -6.35 8.62 15.57
N LEU B 104 -5.97 9.60 16.38
CA LEU B 104 -4.95 9.45 17.41
C LEU B 104 -5.58 8.77 18.63
N GLY B 105 -5.71 7.45 18.53
CA GLY B 105 -6.41 6.68 19.55
C GLY B 105 -5.52 5.85 20.47
N GLN B 106 -4.20 5.96 20.34
CA GLN B 106 -3.28 5.23 21.18
C GLN B 106 -2.33 6.19 21.87
N PRO B 107 -1.79 5.82 23.02
CA PRO B 107 -0.72 6.62 23.64
C PRO B 107 0.53 6.60 22.78
N LYS B 108 1.37 7.62 22.97
CA LYS B 108 2.62 7.69 22.25
C LYS B 108 3.50 6.50 22.60
N ALA B 109 4.21 5.98 21.60
CA ALA B 109 5.07 4.82 21.77
C ALA B 109 6.37 5.03 21.00
N ALA B 110 7.50 4.85 21.69
CA ALA B 110 8.80 5.06 21.10
C ALA B 110 9.19 3.86 20.22
N PRO B 111 9.87 4.10 19.11
CA PRO B 111 10.24 3.00 18.21
C PRO B 111 11.41 2.19 18.75
N SER B 112 11.41 0.92 18.38
CA SER B 112 12.58 0.06 18.56
C SER B 112 13.30 -0.03 17.22
N VAL B 113 14.61 0.19 17.25
CA VAL B 113 15.41 0.29 16.04
C VAL B 113 16.44 -0.83 16.03
N THR B 114 16.54 -1.54 14.92
CA THR B 114 17.53 -2.59 14.72
C THR B 114 18.21 -2.37 13.38
N LEU B 115 19.53 -2.30 13.39
CA LEU B 115 20.33 -2.02 12.20
C LEU B 115 21.23 -3.20 11.91
N PHE B 116 21.18 -3.70 10.67
CA PHE B 116 22.04 -4.79 10.25
C PHE B 116 23.05 -4.31 9.23
N PRO B 117 24.31 -4.65 9.40
CA PRO B 117 25.32 -4.30 8.39
C PRO B 117 25.21 -5.20 7.18
N PRO B 118 25.94 -4.94 6.11
CA PRO B 118 25.98 -5.88 4.99
C PRO B 118 26.59 -7.21 5.42
N SER B 119 25.95 -8.30 5.00
CA SER B 119 26.55 -9.60 5.20
C SER B 119 27.78 -9.75 4.31
N SER B 120 28.71 -10.60 4.75
CA SER B 120 29.88 -10.88 3.91
C SER B 120 29.48 -11.56 2.61
N GLU B 121 28.37 -12.31 2.63
CA GLU B 121 27.90 -12.97 1.41
C GLU B 121 27.42 -11.97 0.38
N GLU B 122 26.89 -10.81 0.82
CA GLU B 122 26.51 -9.79 -0.14
C GLU B 122 27.73 -9.01 -0.62
N LEU B 123 28.70 -8.78 0.28
CA LEU B 123 29.93 -8.12 -0.13
C LEU B 123 30.70 -8.95 -1.15
N GLN B 124 30.66 -10.28 -1.02
CA GLN B 124 31.32 -11.13 -2.02
C GLN B 124 30.70 -10.95 -3.39
N ALA B 125 29.41 -10.63 -3.46
CA ALA B 125 28.74 -10.31 -4.71
C ALA B 125 28.93 -8.85 -5.10
N ASN B 126 29.85 -8.14 -4.44
CA ASN B 126 30.14 -6.73 -4.71
C ASN B 126 28.89 -5.87 -4.58
N LYS B 127 28.08 -6.17 -3.57
CA LYS B 127 26.94 -5.36 -3.18
C LYS B 127 26.99 -5.13 -1.69
N ALA B 128 26.21 -4.16 -1.21
CA ALA B 128 26.19 -3.86 0.21
C ALA B 128 24.90 -3.12 0.53
N THR B 129 24.13 -3.65 1.48
CA THR B 129 22.86 -3.06 1.89
C THR B 129 22.82 -2.99 3.41
N LEU B 130 22.51 -1.81 3.93
CA LEU B 130 22.24 -1.64 5.35
C LEU B 130 20.74 -1.67 5.58
N VAL B 131 20.30 -2.47 6.54
CA VAL B 131 18.89 -2.70 6.80
C VAL B 131 18.55 -2.13 8.17
N CYS B 132 17.66 -1.14 8.19
CA CYS B 132 17.21 -0.50 9.42
C CYS B 132 15.73 -0.80 9.60
N LEU B 133 15.39 -1.47 10.70
CA LEU B 133 14.02 -1.90 10.97
C LEU B 133 13.47 -1.12 12.16
N ILE B 134 12.35 -0.43 11.94
CA ILE B 134 11.72 0.39 12.95
C ILE B 134 10.33 -0.19 13.23
N SER B 135 10.02 -0.38 14.50
CA SER B 135 8.77 -1.05 14.85
C SER B 135 8.24 -0.53 16.18
N ASP B 136 6.94 -0.79 16.41
CA ASP B 136 6.28 -0.55 17.69
C ASP B 136 6.29 0.92 18.09
N PHE B 137 6.08 1.82 17.13
CA PHE B 137 5.98 3.23 17.44
C PHE B 137 4.58 3.75 17.13
N TYR B 138 4.19 4.82 17.83
CA TYR B 138 2.90 5.44 17.64
C TYR B 138 2.99 6.90 18.04
N PRO B 139 2.51 7.84 17.20
CA PRO B 139 1.88 7.61 15.89
C PRO B 139 2.89 7.21 14.81
N GLY B 140 2.40 7.04 13.58
CA GLY B 140 3.21 6.54 12.50
C GLY B 140 3.90 7.61 11.68
N ALA B 141 4.43 8.62 12.34
CA ALA B 141 5.18 9.69 11.69
C ALA B 141 6.61 9.68 12.24
N VAL B 142 7.52 9.02 11.53
CA VAL B 142 8.93 8.99 11.89
C VAL B 142 9.73 9.64 10.79
N THR B 143 10.81 10.31 11.18
CA THR B 143 11.79 10.83 10.25
C THR B 143 13.04 9.94 10.36
N VAL B 144 13.36 9.24 9.28
CA VAL B 144 14.53 8.38 9.22
C VAL B 144 15.63 9.13 8.50
N ALA B 145 16.81 9.18 9.10
CA ALA B 145 17.97 9.86 8.52
C ALA B 145 19.19 8.96 8.66
N TRP B 146 19.96 8.83 7.59
CA TRP B 146 21.17 8.04 7.59
C TRP B 146 22.40 8.95 7.66
N LYS B 147 23.47 8.42 8.23
CA LYS B 147 24.71 9.16 8.36
C LYS B 147 25.88 8.27 7.99
N ALA B 148 26.78 8.81 7.16
CA ALA B 148 28.10 8.23 6.93
C ALA B 148 29.07 8.96 7.85
N ASP B 149 29.69 8.22 8.77
CA ASP B 149 30.38 8.83 9.90
C ASP B 149 29.41 9.79 10.59
N SER B 150 29.62 11.10 10.40
CA SER B 150 28.72 12.11 10.93
C SER B 150 28.07 12.94 9.84
N SER B 151 28.26 12.59 8.58
CA SER B 151 27.67 13.36 7.49
C SER B 151 26.36 12.76 7.04
N PRO B 152 25.35 13.58 6.82
CA PRO B 152 24.06 13.06 6.32
C PRO B 152 24.23 12.43 4.94
N VAL B 153 23.46 11.38 4.70
CA VAL B 153 23.46 10.65 3.43
C VAL B 153 22.08 10.81 2.80
N LYS B 154 22.06 11.30 1.56
CA LYS B 154 20.82 11.44 0.80
C LYS B 154 20.67 10.38 -0.28
N ALA B 155 21.75 10.05 -0.98
CA ALA B 155 21.67 9.09 -2.07
C ALA B 155 21.66 7.67 -1.54
N GLY B 156 20.87 6.82 -2.17
CA GLY B 156 20.85 5.39 -1.87
C GLY B 156 19.85 4.96 -0.82
N VAL B 157 19.06 5.88 -0.27
CA VAL B 157 18.13 5.56 0.80
C VAL B 157 16.77 5.23 0.23
N GLU B 158 16.14 4.19 0.75
CA GLU B 158 14.78 3.80 0.38
C GLU B 158 14.03 3.45 1.66
N THR B 159 13.03 4.24 2.02
CA THR B 159 12.27 4.05 3.24
C THR B 159 10.81 3.79 2.90
N THR B 160 10.25 2.74 3.50
CA THR B 160 8.84 2.44 3.30
C THR B 160 7.96 3.40 4.11
N THR B 161 6.69 3.45 3.73
CA THR B 161 5.75 4.21 4.56
C THR B 161 5.33 3.36 5.76
N PRO B 162 5.14 3.98 6.92
CA PRO B 162 4.78 3.21 8.12
C PRO B 162 3.45 2.47 7.94
N SER B 163 3.47 1.17 8.22
CA SER B 163 2.29 0.33 8.14
C SER B 163 1.93 -0.22 9.52
N LYS B 164 0.64 -0.38 9.76
CA LYS B 164 0.17 -0.82 11.06
C LYS B 164 0.47 -2.29 11.30
N GLN B 165 0.80 -2.62 12.54
CA GLN B 165 1.02 -4.00 12.95
C GLN B 165 -0.25 -4.53 13.62
N SER B 166 -0.18 -5.76 14.12
CA SER B 166 -1.32 -6.36 14.81
C SER B 166 -1.64 -5.63 16.10
N ASN B 167 -0.63 -5.10 16.79
CA ASN B 167 -0.82 -4.42 18.07
C ASN B 167 -1.17 -2.95 17.92
N ASN B 168 -1.65 -2.54 16.74
CA ASN B 168 -2.07 -1.18 16.42
C ASN B 168 -0.92 -0.19 16.35
N LYS B 169 0.33 -0.63 16.54
CA LYS B 169 1.49 0.23 16.37
C LYS B 169 2.07 0.06 14.97
N TYR B 170 2.97 0.96 14.61
CA TYR B 170 3.49 1.05 13.26
C TYR B 170 4.88 0.42 13.15
N ALA B 171 5.22 0.04 11.92
CA ALA B 171 6.54 -0.46 11.60
C ALA B 171 6.97 0.13 10.27
N ALA B 172 8.28 0.18 10.06
CA ALA B 172 8.82 0.66 8.80
C ALA B 172 10.25 0.13 8.66
N SER B 173 10.74 0.12 7.43
CA SER B 173 12.09 -0.31 7.15
C SER B 173 12.75 0.69 6.20
N SER B 174 14.03 0.95 6.44
CA SER B 174 14.80 1.84 5.60
C SER B 174 16.07 1.12 5.15
N TYR B 175 16.37 1.21 3.86
CA TYR B 175 17.50 0.53 3.26
C TYR B 175 18.48 1.56 2.71
N LEU B 176 19.76 1.37 3.01
CA LEU B 176 20.83 2.19 2.45
C LEU B 176 21.65 1.32 1.51
N SER B 177 21.64 1.65 0.23
CA SER B 177 22.40 0.93 -0.78
C SER B 177 23.72 1.66 -1.03
N LEU B 178 24.82 0.92 -0.99
CA LEU B 178 26.14 1.50 -1.20
C LEU B 178 27.06 0.44 -1.76
N THR B 179 28.14 0.90 -2.39
CA THR B 179 29.16 -0.01 -2.89
C THR B 179 29.96 -0.57 -1.71
N PRO B 180 30.53 -1.77 -1.86
CA PRO B 180 31.42 -2.29 -0.81
C PRO B 180 32.56 -1.36 -0.46
N GLU B 181 33.07 -0.59 -1.43
CA GLU B 181 34.14 0.36 -1.12
C GLU B 181 33.63 1.51 -0.27
N GLN B 182 32.39 1.95 -0.50
CA GLN B 182 31.80 2.97 0.36
C GLN B 182 31.64 2.45 1.78
N TRP B 183 31.23 1.19 1.92
CA TRP B 183 31.02 0.62 3.25
C TRP B 183 32.34 0.45 3.99
N LYS B 184 33.39 -0.01 3.30
CA LYS B 184 34.65 -0.31 3.95
C LYS B 184 35.55 0.90 4.13
N SER B 185 35.23 2.03 3.51
CA SER B 185 36.08 3.22 3.60
C SER B 185 35.63 4.21 4.67
N HIS B 186 34.46 4.02 5.27
CA HIS B 186 33.97 4.88 6.33
C HIS B 186 34.19 4.24 7.68
N LYS B 187 34.29 5.08 8.71
CA LYS B 187 34.40 4.57 10.08
C LYS B 187 33.13 3.86 10.51
N SER B 188 31.96 4.41 10.17
CA SER B 188 30.71 3.80 10.54
C SER B 188 29.58 4.43 9.74
N TYR B 189 28.42 3.77 9.78
CA TYR B 189 27.17 4.30 9.26
C TYR B 189 26.11 4.24 10.35
N SER B 190 25.14 5.15 10.28
CA SER B 190 24.14 5.26 11.33
C SER B 190 22.75 5.40 10.75
N CYS B 191 21.78 4.78 11.43
CA CYS B 191 20.36 4.94 11.16
C CYS B 191 19.75 5.73 12.31
N GLN B 192 19.33 6.96 12.03
CA GLN B 192 18.85 7.89 13.04
C GLN B 192 17.34 8.03 12.92
N VAL B 193 16.62 7.63 13.95
CA VAL B 193 15.16 7.61 13.95
C VAL B 193 14.67 8.63 14.97
N THR B 194 13.95 9.64 14.49
CA THR B 194 13.38 10.68 15.34
C THR B 194 11.87 10.55 15.35
N HIS B 195 11.29 10.51 16.55
CA HIS B 195 9.86 10.29 16.71
C HIS B 195 9.38 11.06 17.93
N GLU B 196 8.54 12.07 17.69
CA GLU B 196 7.95 12.89 18.75
C GLU B 196 9.03 13.56 19.60
N GLY B 197 9.96 14.24 18.93
CA GLY B 197 11.00 14.99 19.59
C GLY B 197 12.12 14.16 20.21
N SER B 198 12.03 12.84 20.16
CA SER B 198 13.05 11.96 20.70
C SER B 198 13.71 11.17 19.58
N THR B 199 14.98 10.81 19.78
CA THR B 199 15.79 10.20 18.74
C THR B 199 16.42 8.91 19.23
N VAL B 200 16.32 7.85 18.42
CA VAL B 200 17.04 6.61 18.63
C VAL B 200 18.00 6.42 17.46
N GLU B 201 19.27 6.20 17.77
CA GLU B 201 20.29 6.05 16.74
C GLU B 201 21.04 4.75 16.93
N LYS B 202 21.16 3.98 15.85
CA LYS B 202 21.95 2.76 15.82
C LYS B 202 23.07 2.92 14.82
N THR B 203 24.23 2.35 15.12
CA THR B 203 25.43 2.52 14.32
C THR B 203 26.08 1.16 14.07
N VAL B 204 26.63 0.97 12.88
CA VAL B 204 27.39 -0.22 12.54
C VAL B 204 28.69 0.20 11.86
N ALA B 205 29.73 -0.61 12.03
CA ALA B 205 31.03 -0.31 11.49
C ALA B 205 31.55 -1.51 10.70
N PRO B 206 32.29 -1.27 9.60
CA PRO B 206 32.76 -2.38 8.76
C PRO B 206 33.75 -3.32 9.44
N THR B 207 33.94 -3.17 10.75
CA THR B 207 34.75 -4.11 11.51
C THR B 207 33.94 -5.33 11.90
#